data_3TQK
#
_entry.id   3TQK
#
_cell.length_a   84.690
_cell.length_b   84.690
_cell.length_c   107.387
_cell.angle_alpha   90.00
_cell.angle_beta   90.00
_cell.angle_gamma   120.00
#
_symmetry.space_group_name_H-M   'P 31 2 1'
#
loop_
_entity.id
_entity.type
_entity.pdbx_description
1 polymer 'Phospho-2-dehydro-3-deoxyheptonate aldolase'
2 non-polymer 'MANGANESE (II) ION'
3 non-polymer 'ACETATE ION'
4 non-polymer 'CALCIUM ION'
5 water water
#
_entity_poly.entity_id   1
_entity_poly.type   'polypeptide(L)'
_entity_poly.pdbx_seq_one_letter_code
;SNANINIKKEKVLIPAEVLIQDIPLLKTSFETVRKSRKEIANIIHGNDDRVAVVVGPCSIHDPAAAIEYATKLKEQVKKF
HKDILII(MSE)RVYFEKPRTTIGWKGFINDPDLDNSYNINKGLRLARNLLSDLTN(MSE)GLPCATEFLDVITPQYFAE
LITWGAIGARTVESQVHRELASGLSASIGFKNATNGDVQVAVDAVKSATYPHHFLSTTKSGSTAIFATKGNQNGHVILRG
GASGPNFSKEHVDDCIAKLKKADINTKV(MSE)IDCSHGNSQKDHSKQISVLADICEQIKHSNDIFGV(MSE)IESNLVA
GNQDINKKPLTYGQSVTDKCVDFEETVK(MSE)LE(MSE)LAEAVQVRRG
;
_entity_poly.pdbx_strand_id   A
#
# COMPACT_ATOMS: atom_id res chain seq x y z
N ASN A 6 -18.47 -2.38 -28.70
CA ASN A 6 -17.81 -3.47 -27.92
C ASN A 6 -18.23 -3.47 -26.45
N ILE A 7 -19.44 -2.95 -26.18
CA ILE A 7 -20.03 -3.01 -24.83
C ILE A 7 -21.14 -4.04 -24.81
N LYS A 8 -20.95 -5.06 -24.00
CA LYS A 8 -21.97 -6.10 -23.80
C LYS A 8 -23.12 -5.54 -22.96
N LYS A 9 -22.79 -4.86 -21.86
CA LYS A 9 -23.79 -4.37 -20.91
C LYS A 9 -23.26 -3.28 -19.98
N GLU A 10 -24.11 -2.28 -19.71
CA GLU A 10 -23.89 -1.36 -18.61
C GLU A 10 -24.65 -1.90 -17.43
N LYS A 11 -23.96 -2.14 -16.33
CA LYS A 11 -24.62 -2.62 -15.14
C LYS A 11 -24.60 -1.52 -14.06
N VAL A 12 -25.53 -1.62 -13.11
CA VAL A 12 -25.65 -0.59 -12.08
C VAL A 12 -24.50 -0.69 -11.08
N LEU A 13 -24.01 0.46 -10.67
CA LEU A 13 -23.04 0.59 -9.59
C LEU A 13 -23.67 1.45 -8.48
N ILE A 14 -23.59 0.98 -7.23
CA ILE A 14 -24.12 1.73 -6.09
C ILE A 14 -23.08 2.79 -5.69
N PRO A 15 -23.50 4.07 -5.61
CA PRO A 15 -22.55 5.14 -5.29
C PRO A 15 -22.02 5.06 -3.88
N ALA A 16 -20.83 5.63 -3.67
CA ALA A 16 -20.13 5.55 -2.39
C ALA A 16 -20.98 6.11 -1.27
N GLU A 17 -21.74 7.15 -1.56
CA GLU A 17 -22.72 7.72 -0.63
C GLU A 17 -23.45 6.67 0.17
N VAL A 18 -23.95 5.69 -0.57
CA VAL A 18 -24.85 4.69 -0.01
C VAL A 18 -24.04 3.77 0.90
N LEU A 19 -22.89 3.33 0.43
CA LEU A 19 -22.05 2.46 1.26
C LEU A 19 -21.52 3.17 2.49
N ILE A 20 -21.28 4.48 2.37
CA ILE A 20 -20.87 5.30 3.51
C ILE A 20 -21.98 5.43 4.54
N GLN A 21 -23.23 5.56 4.11
CA GLN A 21 -24.37 5.52 5.03
C GLN A 21 -24.50 4.16 5.69
N ASP A 22 -24.43 3.11 4.89
CA ASP A 22 -24.51 1.73 5.38
C ASP A 22 -23.36 1.37 6.32
N ILE A 23 -22.15 1.86 6.00
CA ILE A 23 -20.93 1.48 6.71
C ILE A 23 -20.20 2.76 7.14
N PRO A 24 -20.70 3.42 8.20
CA PRO A 24 -20.23 4.75 8.53
C PRO A 24 -18.82 4.76 9.09
N LEU A 25 -18.16 5.91 8.97
CA LEU A 25 -16.86 6.14 9.61
C LEU A 25 -17.06 6.17 11.11
N LEU A 26 -16.53 5.15 11.79
CA LEU A 26 -16.70 5.05 13.24
C LEU A 26 -15.68 5.95 13.93
N LYS A 27 -15.93 6.29 15.20
CA LYS A 27 -15.08 7.26 15.90
C LYS A 27 -13.66 6.72 16.07
N THR A 28 -13.52 5.47 16.50
CA THR A 28 -12.21 4.88 16.65
C THR A 28 -11.45 4.87 15.32
N SER A 29 -12.16 4.53 14.25
CA SER A 29 -11.60 4.58 12.91
C SER A 29 -11.09 5.99 12.58
N PHE A 30 -11.93 7.00 12.80
CA PHE A 30 -11.56 8.39 12.52
C PHE A 30 -10.25 8.77 13.21
N GLU A 31 -10.16 8.41 14.49
CA GLU A 31 -9.02 8.78 15.31
C GLU A 31 -7.77 8.01 14.96
N THR A 32 -7.93 6.74 14.58
CA THR A 32 -6.80 5.95 14.10
C THR A 32 -6.23 6.54 12.82
N VAL A 33 -7.09 6.94 11.90
CA VAL A 33 -6.63 7.49 10.63
C VAL A 33 -5.97 8.85 10.84
N ARG A 34 -6.63 9.72 11.60
CA ARG A 34 -6.13 11.06 11.84
C ARG A 34 -4.73 11.00 12.44
N LYS A 35 -4.58 10.19 13.48
CA LYS A 35 -3.33 10.07 14.20
C LYS A 35 -2.25 9.41 13.35
N SER A 36 -2.56 8.26 12.77
CA SER A 36 -1.58 7.52 12.00
C SER A 36 -1.10 8.29 10.78
N ARG A 37 -2.00 9.08 10.18
CA ARG A 37 -1.63 9.91 9.03
C ARG A 37 -0.58 10.97 9.41
N LYS A 38 -0.76 11.60 10.56
CA LYS A 38 0.22 12.57 11.05
C LYS A 38 1.55 11.84 11.31
N GLU A 39 1.46 10.69 11.95
CA GLU A 39 2.63 9.88 12.23
C GLU A 39 3.41 9.44 10.98
N ILE A 40 2.74 8.96 9.93
CA ILE A 40 3.48 8.53 8.73
C ILE A 40 4.04 9.73 7.96
N ALA A 41 3.30 10.84 7.94
CA ALA A 41 3.80 12.06 7.28
C ALA A 41 5.14 12.51 7.90
N ASN A 42 5.23 12.50 9.23
CA ASN A 42 6.45 12.89 9.93
C ASN A 42 7.60 11.92 9.69
N ILE A 43 7.30 10.63 9.63
CA ILE A 43 8.32 9.66 9.26
C ILE A 43 8.81 9.90 7.82
N ILE A 44 7.88 10.12 6.89
CA ILE A 44 8.22 10.34 5.46
C ILE A 44 9.15 11.56 5.27
N HIS A 45 8.92 12.60 6.08
CA HIS A 45 9.69 13.84 6.00
C HIS A 45 10.91 13.86 6.91
N GLY A 46 11.10 12.81 7.70
CA GLY A 46 12.31 12.66 8.49
C GLY A 46 12.24 13.25 9.88
N ASN A 47 11.07 13.77 10.24
CA ASN A 47 10.89 14.39 11.55
C ASN A 47 10.69 13.40 12.70
N ASP A 48 10.51 12.12 12.36
CA ASP A 48 10.53 11.01 13.30
C ASP A 48 11.46 9.97 12.67
N ASP A 49 12.24 9.27 13.50
CA ASP A 49 13.22 8.32 12.98
C ASP A 49 12.83 6.86 13.22
N ARG A 50 11.61 6.65 13.72
CA ARG A 50 10.93 5.37 13.58
C ARG A 50 10.86 4.99 12.10
N VAL A 51 10.76 3.70 11.82
CA VAL A 51 10.63 3.21 10.47
C VAL A 51 9.19 2.74 10.27
N ALA A 52 8.58 3.07 9.13
CA ALA A 52 7.21 2.64 8.81
C ALA A 52 7.26 1.26 8.17
N VAL A 53 6.33 0.39 8.56
CA VAL A 53 6.29 -0.96 8.02
C VAL A 53 4.89 -1.25 7.53
N VAL A 54 4.77 -1.41 6.21
CA VAL A 54 3.52 -1.73 5.55
C VAL A 54 3.56 -3.23 5.30
N VAL A 55 2.76 -3.95 6.08
CA VAL A 55 2.92 -5.38 6.16
C VAL A 55 1.56 -6.04 6.10
N GLY A 56 1.47 -7.08 5.27
CA GLY A 56 0.23 -7.84 5.20
C GLY A 56 0.21 -8.72 3.97
N PRO A 57 -0.96 -9.33 3.69
CA PRO A 57 -1.14 -10.23 2.56
C PRO A 57 -0.89 -9.55 1.22
N CYS A 58 -0.45 -10.33 0.22
CA CYS A 58 -0.25 -9.80 -1.13
C CYS A 58 -1.52 -9.09 -1.57
N SER A 59 -2.65 -9.81 -1.48
CA SER A 59 -3.97 -9.26 -1.81
C SER A 59 -5.01 -9.95 -0.94
N ILE A 60 -6.07 -9.24 -0.59
CA ILE A 60 -7.13 -9.83 0.23
C ILE A 60 -8.06 -10.66 -0.68
N HIS A 61 -8.34 -11.88 -0.24
CA HIS A 61 -9.38 -12.71 -0.85
C HIS A 61 -10.34 -13.30 0.19
N ASP A 62 -9.98 -13.19 1.47
CA ASP A 62 -10.76 -13.78 2.57
C ASP A 62 -10.78 -12.78 3.74
N PRO A 63 -11.85 -11.97 3.83
CA PRO A 63 -11.93 -10.92 4.85
C PRO A 63 -11.89 -11.45 6.29
N ALA A 64 -12.48 -12.63 6.54
CA ALA A 64 -12.39 -13.26 7.84
C ALA A 64 -10.94 -13.64 8.20
N ALA A 65 -10.20 -14.16 7.23
CA ALA A 65 -8.78 -14.46 7.44
C ALA A 65 -8.00 -13.16 7.67
N ALA A 66 -8.37 -12.11 6.95
CA ALA A 66 -7.76 -10.79 7.14
C ALA A 66 -7.96 -10.25 8.58
N ILE A 67 -9.16 -10.41 9.12
CA ILE A 67 -9.42 -10.01 10.50
C ILE A 67 -8.54 -10.83 11.47
N GLU A 68 -8.49 -12.14 11.31
CA GLU A 68 -7.63 -12.94 12.17
C GLU A 68 -6.17 -12.51 12.09
N TYR A 69 -5.67 -12.26 10.88
CA TYR A 69 -4.31 -11.74 10.68
C TYR A 69 -4.12 -10.42 11.44
N ALA A 70 -5.11 -9.54 11.31
CA ALA A 70 -5.04 -8.21 11.91
C ALA A 70 -4.94 -8.27 13.41
N THR A 71 -5.70 -9.19 14.02
CA THR A 71 -5.65 -9.42 15.45
C THR A 71 -4.23 -9.74 15.90
N LYS A 72 -3.59 -10.67 15.21
CA LYS A 72 -2.21 -11.03 15.51
C LYS A 72 -1.29 -9.84 15.34
N LEU A 73 -1.48 -9.08 14.27
CA LEU A 73 -0.64 -7.90 14.03
C LEU A 73 -0.82 -6.85 15.13
N LYS A 74 -2.08 -6.56 15.48
CA LYS A 74 -2.37 -5.55 16.49
C LYS A 74 -1.70 -5.93 17.82
N GLU A 75 -1.55 -7.21 18.08
CA GLU A 75 -0.90 -7.69 19.29
C GLU A 75 0.57 -7.31 19.35
N GLN A 76 1.21 -7.22 18.19
CA GLN A 76 2.63 -6.90 18.11
C GLN A 76 2.90 -5.41 18.25
N VAL A 77 1.89 -4.58 17.98
CA VAL A 77 2.12 -3.15 17.88
C VAL A 77 2.74 -2.61 19.18
N LYS A 78 2.13 -2.91 20.33
CA LYS A 78 2.64 -2.42 21.62
C LYS A 78 4.09 -2.84 21.92
N LYS A 79 4.55 -3.95 21.36
CA LYS A 79 5.94 -4.37 21.51
C LYS A 79 6.90 -3.42 20.78
N PHE A 80 6.47 -2.86 19.66
CA PHE A 80 7.38 -2.23 18.71
C PHE A 80 7.15 -0.75 18.43
N HIS A 81 6.13 -0.16 19.06
CA HIS A 81 5.60 1.14 18.62
C HIS A 81 6.55 2.33 18.88
N LYS A 82 7.50 2.17 19.79
CA LYS A 82 8.52 3.20 20.00
C LYS A 82 9.51 3.26 18.84
N ASP A 83 9.63 2.15 18.11
CA ASP A 83 10.63 1.99 17.03
C ASP A 83 10.04 1.91 15.63
N ILE A 84 8.79 1.49 15.52
CA ILE A 84 8.19 1.10 14.26
C ILE A 84 6.74 1.57 14.19
N LEU A 85 6.34 2.11 13.04
CA LEU A 85 4.91 2.36 12.78
C LEU A 85 4.41 1.25 11.87
N ILE A 86 3.52 0.40 12.40
CA ILE A 86 2.96 -0.71 11.66
C ILE A 86 1.68 -0.27 10.98
N ILE A 87 1.64 -0.49 9.66
CA ILE A 87 0.47 -0.18 8.85
C ILE A 87 0.10 -1.45 8.12
N ARG A 89 -1.33 -3.88 5.37
CA ARG A 89 -1.50 -3.91 3.94
C ARG A 89 -2.85 -4.56 3.62
N VAL A 90 -3.74 -3.78 3.01
CA VAL A 90 -5.07 -4.27 2.66
C VAL A 90 -5.30 -3.99 1.18
N TYR A 91 -4.76 -4.87 0.32
CA TYR A 91 -4.79 -4.67 -1.13
C TYR A 91 -5.92 -5.42 -1.79
N PHE A 92 -6.59 -4.78 -2.74
CA PHE A 92 -7.80 -5.36 -3.33
C PHE A 92 -7.66 -5.65 -4.83
N GLU A 93 -6.43 -5.68 -5.33
CA GLU A 93 -6.19 -5.87 -6.75
C GLU A 93 -4.83 -6.52 -6.99
N LYS A 94 -4.78 -7.44 -7.94
CA LYS A 94 -3.55 -8.10 -8.34
C LYS A 94 -3.23 -7.76 -9.80
N PRO A 95 -2.05 -7.15 -10.04
CA PRO A 95 -1.59 -6.95 -11.43
C PRO A 95 -1.42 -8.25 -12.20
N ARG A 96 -1.84 -8.24 -13.47
CA ARG A 96 -1.71 -9.39 -14.38
C ARG A 96 -1.10 -8.94 -15.71
N THR A 97 -0.14 -9.72 -16.22
CA THR A 97 0.51 -9.44 -17.50
C THR A 97 -0.50 -9.26 -18.64
N THR A 98 -1.48 -10.15 -18.70
CA THR A 98 -2.61 -10.02 -19.63
C THR A 98 -3.94 -10.23 -18.90
N ILE A 99 -4.24 -11.47 -18.54
CA ILE A 99 -5.51 -11.80 -17.88
C ILE A 99 -5.33 -12.57 -16.56
N GLY A 100 -6.44 -12.79 -15.87
CA GLY A 100 -6.45 -13.47 -14.56
C GLY A 100 -7.37 -12.79 -13.57
N TRP A 101 -7.64 -13.46 -12.44
CA TRP A 101 -8.38 -12.86 -11.32
C TRP A 101 -7.77 -11.51 -11.02
N LYS A 102 -8.60 -10.46 -11.07
CA LYS A 102 -8.15 -9.09 -10.86
C LYS A 102 -8.03 -8.77 -9.37
N GLY A 103 -8.75 -9.49 -8.52
CA GLY A 103 -8.77 -9.16 -7.12
C GLY A 103 -10.15 -9.13 -6.51
N PHE A 104 -10.20 -8.77 -5.23
CA PHE A 104 -11.40 -8.92 -4.40
C PHE A 104 -12.50 -7.94 -4.78
N ILE A 105 -12.14 -6.71 -5.14
CA ILE A 105 -13.15 -5.76 -5.60
C ILE A 105 -13.81 -6.22 -6.90
N ASN A 106 -12.99 -6.67 -7.85
CA ASN A 106 -13.50 -7.05 -9.17
C ASN A 106 -14.35 -8.31 -9.13
N ASP A 107 -13.98 -9.25 -8.25
CA ASP A 107 -14.62 -10.55 -8.24
C ASP A 107 -14.46 -11.20 -6.86
N PRO A 108 -15.18 -10.66 -5.83
CA PRO A 108 -15.02 -11.11 -4.44
C PRO A 108 -15.32 -12.59 -4.22
N ASP A 109 -16.28 -13.13 -4.95
CA ASP A 109 -16.67 -14.52 -4.80
C ASP A 109 -15.78 -15.50 -5.57
N LEU A 110 -14.75 -14.98 -6.23
CA LEU A 110 -13.68 -15.78 -6.84
C LEU A 110 -14.19 -16.77 -7.89
N ASP A 111 -15.24 -16.39 -8.61
CA ASP A 111 -15.94 -17.33 -9.50
C ASP A 111 -16.39 -16.71 -10.83
N ASN A 112 -15.76 -15.60 -11.22
CA ASN A 112 -16.12 -14.86 -12.44
C ASN A 112 -17.60 -14.42 -12.47
N SER A 113 -18.15 -14.13 -11.30
CA SER A 113 -19.48 -13.52 -11.20
C SER A 113 -19.37 -11.99 -11.25
N TYR A 114 -18.19 -11.47 -10.93
CA TYR A 114 -17.85 -10.05 -11.08
C TYR A 114 -18.76 -9.11 -10.30
N ASN A 115 -19.03 -9.46 -9.05
CA ASN A 115 -19.97 -8.71 -8.23
C ASN A 115 -19.23 -7.56 -7.60
N ILE A 116 -18.99 -6.53 -8.40
CA ILE A 116 -18.16 -5.42 -8.00
C ILE A 116 -18.82 -4.66 -6.85
N ASN A 117 -20.14 -4.52 -6.87
CA ASN A 117 -20.83 -3.82 -5.77
C ASN A 117 -20.56 -4.53 -4.44
N LYS A 118 -20.67 -5.86 -4.44
CA LYS A 118 -20.38 -6.66 -3.25
C LYS A 118 -18.92 -6.46 -2.82
N GLY A 119 -18.02 -6.51 -3.80
CA GLY A 119 -16.61 -6.29 -3.56
C GLY A 119 -16.35 -4.98 -2.85
N LEU A 120 -16.93 -3.91 -3.38
CA LEU A 120 -16.69 -2.59 -2.82
C LEU A 120 -17.25 -2.52 -1.42
N ARG A 121 -18.41 -3.13 -1.22
CA ARG A 121 -19.06 -3.13 0.07
C ARG A 121 -18.26 -3.86 1.12
N LEU A 122 -17.80 -5.07 0.78
CA LEU A 122 -16.97 -5.84 1.73
C LEU A 122 -15.57 -5.22 1.94
N ALA A 123 -15.04 -4.55 0.92
CA ALA A 123 -13.74 -3.89 1.03
C ALA A 123 -13.83 -2.77 2.05
N ARG A 124 -14.84 -1.93 1.91
CA ARG A 124 -15.03 -0.84 2.85
C ARG A 124 -15.29 -1.41 4.24
N ASN A 125 -16.14 -2.42 4.34
CA ASN A 125 -16.47 -3.00 5.65
C ASN A 125 -15.24 -3.61 6.32
N LEU A 126 -14.34 -4.20 5.53
CA LEU A 126 -13.09 -4.71 6.07
C LEU A 126 -12.23 -3.57 6.64
N LEU A 127 -12.07 -2.51 5.85
CA LEU A 127 -11.30 -1.36 6.27
C LEU A 127 -11.91 -0.68 7.49
N SER A 128 -13.24 -0.62 7.55
CA SER A 128 -13.91 -0.10 8.75
C SER A 128 -13.52 -0.93 9.97
N ASP A 129 -13.63 -2.26 9.85
CA ASP A 129 -13.29 -3.18 10.96
C ASP A 129 -11.84 -3.06 11.44
N LEU A 130 -10.91 -3.04 10.49
CA LEU A 130 -9.48 -2.97 10.84
C LEU A 130 -9.10 -1.67 11.56
N THR A 131 -9.51 -0.54 10.99
CA THR A 131 -9.24 0.76 11.59
C THR A 131 -9.96 0.92 12.91
N ASN A 132 -11.15 0.31 13.02
CA ASN A 132 -11.88 0.32 14.27
C ASN A 132 -11.18 -0.49 15.37
N GLY A 134 -8.06 -0.17 15.65
CA GLY A 134 -6.92 0.71 15.93
C GLY A 134 -5.72 0.47 15.02
N LEU A 135 -5.92 -0.24 13.91
CA LEU A 135 -4.86 -0.56 12.96
C LEU A 135 -4.92 0.38 11.77
N PRO A 136 -3.85 1.14 11.53
CA PRO A 136 -3.80 1.89 10.28
C PRO A 136 -3.70 0.95 9.10
N CYS A 137 -4.28 1.36 7.97
CA CYS A 137 -4.35 0.54 6.77
C CYS A 137 -3.77 1.20 5.53
N ALA A 138 -3.19 0.37 4.65
CA ALA A 138 -2.62 0.74 3.37
C ALA A 138 -3.35 0.05 2.21
N THR A 139 -3.51 0.72 1.08
CA THR A 139 -4.05 0.08 -0.12
C THR A 139 -3.49 0.73 -1.36
N GLU A 140 -3.66 0.11 -2.52
CA GLU A 140 -3.29 0.76 -3.78
C GLU A 140 -4.48 1.53 -4.32
N PHE A 141 -4.24 2.79 -4.68
CA PHE A 141 -5.24 3.60 -5.32
C PHE A 141 -5.16 3.34 -6.83
N LEU A 142 -6.21 2.74 -7.38
CA LEU A 142 -6.20 2.12 -8.70
C LEU A 142 -6.79 2.97 -9.84
N ASP A 143 -7.80 3.79 -9.52
CA ASP A 143 -8.57 4.54 -10.53
C ASP A 143 -9.33 5.70 -9.89
N VAL A 144 -10.17 6.41 -10.66
CA VAL A 144 -10.86 7.59 -10.13
C VAL A 144 -12.24 7.29 -9.54
N ILE A 145 -12.59 6.02 -9.43
CA ILE A 145 -13.93 5.61 -8.99
C ILE A 145 -13.87 4.94 -7.61
N THR A 146 -13.01 3.92 -7.46
CA THR A 146 -12.97 3.14 -6.22
C THR A 146 -12.57 3.94 -4.97
N PRO A 147 -11.66 4.91 -5.09
CA PRO A 147 -11.23 5.60 -3.88
C PRO A 147 -12.31 6.29 -3.06
N GLN A 148 -13.36 6.77 -3.71
CA GLN A 148 -14.46 7.44 -2.99
C GLN A 148 -15.14 6.50 -2.01
N TYR A 149 -15.01 5.19 -2.22
CA TYR A 149 -15.62 4.21 -1.35
C TYR A 149 -14.88 3.97 -0.04
N PHE A 150 -13.62 4.38 0.07
CA PHE A 150 -12.86 4.12 1.30
C PHE A 150 -11.62 4.98 1.58
N ALA A 151 -11.38 6.04 0.83
CA ALA A 151 -10.12 6.80 0.95
C ALA A 151 -9.91 7.45 2.33
N GLU A 152 -11.00 7.71 3.04
CA GLU A 152 -10.96 8.29 4.38
C GLU A 152 -10.64 7.24 5.47
N LEU A 153 -10.54 5.98 5.09
CA LEU A 153 -10.12 4.91 6.01
C LEU A 153 -8.65 4.52 5.76
N ILE A 154 -8.01 5.16 4.78
CA ILE A 154 -6.64 4.85 4.36
C ILE A 154 -5.67 5.89 4.93
N THR A 155 -4.65 5.37 5.63
CA THR A 155 -3.56 6.16 6.20
C THR A 155 -2.46 6.44 5.18
N TRP A 156 -2.13 5.43 4.39
CA TRP A 156 -1.05 5.47 3.44
C TRP A 156 -1.47 4.69 2.22
N GLY A 157 -1.22 5.24 1.03
CA GLY A 157 -1.60 4.56 -0.21
C GLY A 157 -0.47 4.48 -1.18
N ALA A 158 -0.64 3.67 -2.22
CA ALA A 158 0.40 3.48 -3.23
C ALA A 158 -0.14 3.66 -4.63
N ILE A 159 0.73 4.19 -5.51
CA ILE A 159 0.54 4.12 -6.94
C ILE A 159 1.48 3.04 -7.43
N GLY A 160 0.94 2.06 -8.16
CA GLY A 160 1.72 0.89 -8.56
C GLY A 160 2.73 1.16 -9.66
N ALA A 161 3.63 0.21 -9.87
CA ALA A 161 4.69 0.35 -10.87
C ALA A 161 4.13 0.57 -12.28
N ARG A 162 2.97 -0.03 -12.54
CA ARG A 162 2.37 -0.01 -13.86
C ARG A 162 1.65 1.31 -14.19
N THR A 163 1.38 2.14 -13.17
CA THR A 163 0.66 3.40 -13.35
C THR A 163 1.48 4.62 -12.92
N VAL A 164 2.79 4.44 -12.71
CA VAL A 164 3.65 5.49 -12.20
C VAL A 164 3.86 6.63 -13.21
N GLU A 165 3.79 6.30 -14.49
CA GLU A 165 3.84 7.29 -15.56
C GLU A 165 2.45 7.79 -15.94
N SER A 166 1.41 7.34 -15.25
CA SER A 166 0.04 7.65 -15.67
C SER A 166 -0.39 9.00 -15.12
N GLN A 167 -0.79 9.88 -16.02
CA GLN A 167 -1.12 11.25 -15.65
C GLN A 167 -2.26 11.36 -14.64
N VAL A 168 -3.32 10.58 -14.83
CA VAL A 168 -4.48 10.70 -13.94
C VAL A 168 -4.14 10.17 -12.55
N HIS A 169 -3.19 9.24 -12.47
CA HIS A 169 -2.75 8.71 -11.18
C HIS A 169 -1.94 9.73 -10.36
N ARG A 170 -1.09 10.49 -11.03
CA ARG A 170 -0.40 11.61 -10.37
C ARG A 170 -1.43 12.65 -9.92
N GLU A 171 -2.39 12.96 -10.78
CA GLU A 171 -3.44 13.92 -10.44
C GLU A 171 -4.30 13.47 -9.27
N LEU A 172 -4.69 12.20 -9.33
CA LEU A 172 -5.44 11.54 -8.27
C LEU A 172 -4.69 11.64 -6.93
N ALA A 173 -3.40 11.33 -6.96
CA ALA A 173 -2.60 11.36 -5.75
C ALA A 173 -2.54 12.76 -5.19
N SER A 174 -2.50 13.76 -6.09
CA SER A 174 -2.44 15.16 -5.67
C SER A 174 -3.69 15.63 -4.92
N GLY A 175 -4.77 14.85 -4.99
CA GLY A 175 -6.00 15.21 -4.29
C GLY A 175 -6.35 14.31 -3.11
N LEU A 176 -5.61 13.23 -2.92
CA LEU A 176 -5.86 12.33 -1.81
C LEU A 176 -5.27 12.87 -0.51
N SER A 177 -5.90 12.59 0.62
CA SER A 177 -5.40 13.04 1.92
C SER A 177 -4.29 12.15 2.46
N ALA A 178 -4.39 10.85 2.25
CA ALA A 178 -3.38 9.89 2.67
C ALA A 178 -1.99 10.28 2.15
N SER A 179 -0.96 9.87 2.86
CA SER A 179 0.38 9.88 2.29
C SER A 179 0.41 8.86 1.15
N ILE A 180 1.24 9.10 0.14
CA ILE A 180 1.27 8.26 -1.05
C ILE A 180 2.70 7.92 -1.45
N GLY A 181 2.98 6.63 -1.64
CA GLY A 181 4.21 6.18 -2.24
C GLY A 181 3.99 5.78 -3.69
N PHE A 182 4.99 6.08 -4.53
CA PHE A 182 4.97 5.77 -5.96
C PHE A 182 6.05 4.76 -6.27
N LYS A 183 5.66 3.61 -6.80
CA LYS A 183 6.61 2.56 -7.12
C LYS A 183 7.44 2.93 -8.36
N ASN A 184 8.70 2.51 -8.39
CA ASN A 184 9.48 2.70 -9.60
C ASN A 184 8.89 1.83 -10.70
N ALA A 185 9.31 2.07 -11.93
CA ALA A 185 8.72 1.40 -13.09
C ALA A 185 9.06 -0.10 -13.14
N THR A 186 8.25 -0.86 -13.88
CA THR A 186 8.47 -2.31 -13.96
C THR A 186 9.86 -2.65 -14.55
N ASN A 187 10.39 -1.75 -15.38
CA ASN A 187 11.75 -1.90 -15.94
C ASN A 187 12.88 -1.55 -14.97
N GLY A 188 12.53 -0.90 -13.87
CA GLY A 188 13.50 -0.50 -12.85
C GLY A 188 13.74 0.99 -12.73
N ASP A 189 13.15 1.79 -13.62
CA ASP A 189 13.41 3.24 -13.70
C ASP A 189 12.86 3.98 -12.47
N VAL A 190 13.76 4.62 -11.73
CA VAL A 190 13.41 5.37 -10.52
C VAL A 190 13.07 6.83 -10.85
N GLN A 191 13.62 7.34 -11.94
CA GLN A 191 13.38 8.74 -12.31
C GLN A 191 11.90 9.01 -12.50
N VAL A 192 11.20 8.10 -13.19
CA VAL A 192 9.76 8.28 -13.38
C VAL A 192 8.98 8.34 -12.09
N ALA A 193 9.42 7.62 -11.06
CA ALA A 193 8.74 7.69 -9.75
C ALA A 193 9.02 9.02 -9.07
N VAL A 194 10.25 9.53 -9.20
CA VAL A 194 10.61 10.85 -8.72
C VAL A 194 9.77 11.91 -9.44
N ASP A 195 9.68 11.79 -10.76
CA ASP A 195 8.81 12.68 -11.54
C ASP A 195 7.37 12.63 -11.02
N ALA A 196 6.90 11.46 -10.63
CA ALA A 196 5.51 11.31 -10.25
C ALA A 196 5.28 11.99 -8.91
N VAL A 197 6.21 11.78 -7.99
CA VAL A 197 6.16 12.43 -6.69
C VAL A 197 6.12 13.96 -6.90
N LYS A 198 7.01 14.47 -7.74
CA LYS A 198 7.09 15.89 -8.02
C LYS A 198 5.77 16.44 -8.55
N SER A 199 5.24 15.78 -9.57
CA SER A 199 3.97 16.18 -10.17
C SER A 199 2.84 16.20 -9.16
N ALA A 200 2.82 15.23 -8.27
CA ALA A 200 1.76 15.08 -7.28
C ALA A 200 1.75 16.19 -6.21
N THR A 201 2.89 16.89 -6.04
CA THR A 201 2.94 18.04 -5.12
C THR A 201 2.17 19.25 -5.66
N TYR A 202 1.89 19.30 -6.97
CA TYR A 202 1.22 20.45 -7.57
C TYR A 202 -0.29 20.38 -7.50
N PRO A 203 -0.96 21.53 -7.59
CA PRO A 203 -2.41 21.51 -7.77
C PRO A 203 -2.74 21.10 -9.19
N HIS A 204 -3.84 20.38 -9.35
CA HIS A 204 -4.27 19.91 -10.65
C HIS A 204 -5.78 20.10 -10.77
N HIS A 205 -6.24 20.33 -11.99
CA HIS A 205 -7.65 20.18 -12.35
C HIS A 205 -7.75 18.88 -13.15
N PHE A 206 -8.61 17.97 -12.73
CA PHE A 206 -8.80 16.71 -13.47
C PHE A 206 -10.20 16.15 -13.28
N LEU A 207 -10.58 15.23 -14.17
CA LEU A 207 -11.87 14.59 -14.13
C LEU A 207 -11.85 13.40 -13.19
N SER A 208 -12.83 13.36 -12.28
CA SER A 208 -12.94 12.30 -11.29
C SER A 208 -14.41 12.09 -11.01
N THR A 209 -14.72 11.43 -9.89
CA THR A 209 -16.11 11.12 -9.56
C THR A 209 -16.41 11.49 -8.12
N THR A 210 -17.68 11.81 -7.86
CA THR A 210 -18.16 12.24 -6.55
C THR A 210 -18.68 11.05 -5.74
N LYS A 211 -18.98 11.29 -4.47
CA LYS A 211 -19.56 10.24 -3.63
C LYS A 211 -20.98 9.92 -4.08
N SER A 212 -21.64 10.86 -4.74
CA SER A 212 -22.98 10.60 -5.29
C SER A 212 -22.95 9.75 -6.57
N GLY A 213 -21.77 9.36 -7.04
CA GLY A 213 -21.63 8.56 -8.26
C GLY A 213 -21.72 9.34 -9.56
N SER A 214 -21.43 10.64 -9.48
CA SER A 214 -21.43 11.52 -10.63
C SER A 214 -20.02 11.84 -11.07
N THR A 215 -19.86 12.25 -12.33
CA THR A 215 -18.58 12.76 -12.80
C THR A 215 -18.50 14.23 -12.41
N ALA A 216 -17.28 14.75 -12.28
CA ALA A 216 -17.05 16.13 -11.85
C ALA A 216 -15.64 16.54 -12.16
N ILE A 217 -15.39 17.85 -12.18
CA ILE A 217 -14.02 18.38 -12.23
C ILE A 217 -13.53 18.54 -10.79
N PHE A 218 -12.32 18.06 -10.50
CA PHE A 218 -11.72 18.23 -9.19
C PHE A 218 -10.50 19.16 -9.27
N ALA A 219 -10.50 20.24 -8.48
CA ALA A 219 -9.34 21.08 -8.29
C ALA A 219 -8.64 20.65 -7.02
N THR A 220 -7.42 20.14 -7.16
CA THR A 220 -6.67 19.65 -6.02
C THR A 220 -5.68 20.67 -5.49
N LYS A 221 -5.18 20.39 -4.30
CA LYS A 221 -4.22 21.24 -3.59
C LYS A 221 -2.78 20.79 -3.76
N GLY A 222 -2.60 19.54 -4.17
CA GLY A 222 -1.28 18.91 -4.20
C GLY A 222 -1.07 18.09 -2.94
N ASN A 223 -0.17 17.11 -3.01
CA ASN A 223 0.09 16.22 -1.89
C ASN A 223 1.55 16.30 -1.54
N GLN A 224 1.85 16.84 -0.36
CA GLN A 224 3.26 17.06 -0.01
C GLN A 224 3.84 15.86 0.74
N ASN A 225 3.07 14.77 0.87
CA ASN A 225 3.53 13.56 1.54
C ASN A 225 3.73 12.38 0.58
N GLY A 226 4.26 12.70 -0.61
CA GLY A 226 4.57 11.71 -1.61
C GLY A 226 6.02 11.29 -1.52
N HIS A 227 6.29 10.04 -1.86
CA HIS A 227 7.64 9.52 -1.83
C HIS A 227 7.78 8.33 -2.76
N VAL A 228 9.03 7.94 -3.02
CA VAL A 228 9.33 6.80 -3.87
C VAL A 228 9.30 5.51 -3.05
N ILE A 229 8.84 4.44 -3.71
CA ILE A 229 8.97 3.08 -3.23
C ILE A 229 9.90 2.36 -4.19
N LEU A 230 10.98 1.78 -3.68
CA LEU A 230 11.91 1.00 -4.51
C LEU A 230 11.50 -0.47 -4.43
N ARG A 231 11.29 -1.10 -5.59
CA ARG A 231 10.70 -2.44 -5.66
C ARG A 231 11.28 -3.32 -6.77
N GLY A 232 12.49 -3.00 -7.22
CA GLY A 232 13.14 -3.77 -8.26
C GLY A 232 12.53 -3.60 -9.64
N GLY A 233 12.79 -4.55 -10.52
CA GLY A 233 12.33 -4.49 -11.91
C GLY A 233 13.34 -5.15 -12.84
N ALA A 234 13.16 -5.00 -14.14
CA ALA A 234 14.03 -5.67 -15.14
C ALA A 234 15.51 -5.31 -14.98
N SER A 235 15.80 -4.10 -14.48
CA SER A 235 17.17 -3.66 -14.12
C SER A 235 17.81 -4.49 -13.01
N GLY A 236 16.99 -5.23 -12.27
CA GLY A 236 17.44 -5.98 -11.10
C GLY A 236 17.05 -5.29 -9.80
N PRO A 237 17.30 -5.94 -8.66
CA PRO A 237 16.92 -5.38 -7.37
C PRO A 237 17.57 -4.02 -7.08
N ASN A 238 16.81 -3.10 -6.49
CA ASN A 238 17.30 -1.76 -6.19
C ASN A 238 17.17 -1.38 -4.71
N PHE A 239 17.47 -2.33 -3.84
CA PHE A 239 17.40 -2.13 -2.39
C PHE A 239 18.73 -1.70 -1.78
N SER A 240 19.83 -1.87 -2.51
CA SER A 240 21.17 -1.57 -1.99
C SER A 240 21.41 -0.09 -1.70
N LYS A 241 22.43 0.17 -0.90
CA LYS A 241 22.89 1.52 -0.58
C LYS A 241 23.13 2.37 -1.83
N GLU A 242 23.85 1.79 -2.79
CA GLU A 242 24.11 2.43 -4.10
C GLU A 242 22.82 3.00 -4.69
N HIS A 243 21.77 2.18 -4.73
CA HIS A 243 20.48 2.53 -5.32
C HIS A 243 19.72 3.57 -4.48
N VAL A 244 19.85 3.49 -3.17
CA VAL A 244 19.17 4.42 -2.28
C VAL A 244 19.79 5.82 -2.40
N ASP A 245 21.12 5.91 -2.41
CA ASP A 245 21.83 7.19 -2.64
C ASP A 245 21.41 7.83 -3.95
N ASP A 246 21.29 7.03 -5.01
CA ASP A 246 20.92 7.52 -6.34
C ASP A 246 19.51 8.11 -6.32
N CYS A 247 18.61 7.39 -5.65
CA CYS A 247 17.23 7.85 -5.53
C CYS A 247 17.17 9.18 -4.79
N ILE A 248 17.87 9.25 -3.65
CA ILE A 248 17.98 10.49 -2.87
C ILE A 248 18.55 11.64 -3.72
N ALA A 249 19.61 11.36 -4.50
CA ALA A 249 20.16 12.37 -5.40
C ALA A 249 19.12 12.87 -6.41
N LYS A 250 18.33 11.94 -6.95
CA LYS A 250 17.31 12.29 -7.94
C LYS A 250 16.23 13.17 -7.31
N LEU A 251 15.79 12.79 -6.11
CA LEU A 251 14.82 13.58 -5.34
C LEU A 251 15.32 15.00 -5.07
N LYS A 252 16.53 15.14 -4.53
CA LYS A 252 17.09 16.48 -4.27
C LYS A 252 17.11 17.38 -5.51
N LYS A 253 17.44 16.81 -6.67
CA LYS A 253 17.35 17.56 -7.94
C LYS A 253 15.94 18.12 -8.22
N ALA A 254 14.90 17.39 -7.82
CA ALA A 254 13.51 17.84 -7.99
C ALA A 254 13.01 18.67 -6.79
N ASP A 255 13.91 19.00 -5.87
CA ASP A 255 13.58 19.75 -4.65
C ASP A 255 12.51 19.04 -3.84
N ILE A 256 12.64 17.72 -3.75
CA ILE A 256 11.75 16.89 -2.94
C ILE A 256 12.59 16.32 -1.81
N ASN A 257 12.11 16.49 -0.58
CA ASN A 257 12.90 16.15 0.60
C ASN A 257 12.36 14.97 1.40
N THR A 258 11.34 14.29 0.87
CA THR A 258 10.80 13.09 1.49
C THR A 258 11.78 11.95 1.34
N LYS A 259 11.65 10.95 2.22
CA LYS A 259 12.62 9.84 2.25
C LYS A 259 12.15 8.63 1.42
N VAL A 260 12.92 7.54 1.48
CA VAL A 260 12.74 6.38 0.63
C VAL A 260 12.13 5.21 1.39
N ILE A 262 11.43 0.99 0.89
CA ILE A 262 11.87 -0.16 0.09
C ILE A 262 10.94 -1.37 0.25
N ASP A 263 10.47 -1.89 -0.88
CA ASP A 263 9.67 -3.11 -0.90
C ASP A 263 10.62 -4.28 -0.76
N CYS A 264 10.48 -5.09 0.28
CA CYS A 264 11.31 -6.30 0.41
C CYS A 264 10.88 -7.41 -0.56
N SER A 265 9.68 -7.29 -1.14
CA SER A 265 9.08 -8.33 -1.96
C SER A 265 9.11 -7.97 -3.45
N HIS A 266 8.24 -8.60 -4.22
CA HIS A 266 8.13 -8.39 -5.69
C HIS A 266 9.50 -8.42 -6.37
N GLY A 267 9.86 -7.36 -7.08
CA GLY A 267 11.12 -7.35 -7.83
C GLY A 267 12.38 -7.47 -7.01
N ASN A 268 12.34 -7.03 -5.74
CA ASN A 268 13.54 -7.06 -4.90
C ASN A 268 13.84 -8.45 -4.33
N SER A 269 12.79 -9.19 -3.96
CA SER A 269 12.95 -10.58 -3.55
C SER A 269 12.94 -11.51 -4.77
N GLN A 270 12.67 -10.92 -5.94
CA GLN A 270 12.48 -11.64 -7.21
C GLN A 270 11.36 -12.67 -7.07
N LYS A 271 10.29 -12.29 -6.37
CA LYS A 271 9.11 -13.14 -6.17
C LYS A 271 9.32 -14.32 -5.18
N ASP A 272 10.54 -14.45 -4.66
CA ASP A 272 10.87 -15.50 -3.70
C ASP A 272 10.56 -14.98 -2.30
N HIS A 273 9.52 -15.51 -1.66
CA HIS A 273 9.14 -15.05 -0.31
C HIS A 273 10.21 -15.29 0.77
N SER A 274 11.05 -16.30 0.58
CA SER A 274 12.13 -16.64 1.51
C SER A 274 13.38 -15.77 1.34
N LYS A 275 13.32 -14.80 0.42
CA LYS A 275 14.39 -13.83 0.22
C LYS A 275 14.07 -12.50 0.88
N GLN A 276 12.81 -12.28 1.27
CA GLN A 276 12.39 -10.99 1.86
C GLN A 276 13.26 -10.64 3.06
N ILE A 277 13.48 -11.64 3.91
CA ILE A 277 14.25 -11.47 5.14
C ILE A 277 15.72 -11.13 4.86
N SER A 278 16.26 -11.53 3.72
CA SER A 278 17.67 -11.25 3.44
C SER A 278 17.79 -9.85 2.80
N VAL A 279 16.81 -9.46 2.00
CA VAL A 279 16.70 -8.07 1.54
C VAL A 279 16.54 -7.15 2.75
N LEU A 280 15.70 -7.53 3.71
CA LEU A 280 15.52 -6.75 4.94
C LEU A 280 16.80 -6.62 5.77
N ALA A 281 17.61 -7.67 5.79
CA ALA A 281 18.90 -7.63 6.50
C ALA A 281 19.81 -6.54 5.96
N ASP A 282 19.84 -6.39 4.64
CA ASP A 282 20.62 -5.33 3.99
C ASP A 282 20.04 -3.95 4.35
N ILE A 283 18.72 -3.86 4.35
CA ILE A 283 18.03 -2.60 4.67
C ILE A 283 18.25 -2.17 6.13
N CYS A 284 18.22 -3.13 7.04
CA CYS A 284 18.45 -2.84 8.46
C CYS A 284 19.86 -2.31 8.71
N GLU A 285 20.85 -2.93 8.06
CA GLU A 285 22.22 -2.43 8.16
C GLU A 285 22.29 -0.98 7.70
N GLN A 286 21.56 -0.66 6.63
CA GLN A 286 21.54 0.70 6.11
C GLN A 286 20.85 1.65 7.08
N ILE A 287 19.70 1.21 7.61
CA ILE A 287 18.93 2.00 8.57
C ILE A 287 19.75 2.42 9.79
N LYS A 288 20.69 1.57 10.18
CA LYS A 288 21.55 1.85 11.32
C LYS A 288 22.47 3.07 11.13
N HIS A 289 22.86 3.36 9.88
CA HIS A 289 23.88 4.37 9.61
C HIS A 289 23.43 5.58 8.78
N SER A 290 22.15 5.60 8.40
CA SER A 290 21.59 6.65 7.58
C SER A 290 20.08 6.75 7.83
N ASN A 291 19.54 7.96 7.78
CA ASN A 291 18.12 8.19 7.96
C ASN A 291 17.40 8.30 6.59
N ASP A 292 18.06 7.88 5.51
CA ASP A 292 17.47 7.97 4.15
C ASP A 292 16.30 7.03 3.92
N ILE A 293 16.37 5.82 4.46
CA ILE A 293 15.29 4.85 4.37
C ILE A 293 14.38 5.10 5.55
N PHE A 294 13.10 5.37 5.28
CA PHE A 294 12.10 5.54 6.35
C PHE A 294 11.19 4.35 6.54
N GLY A 295 11.07 3.50 5.52
CA GLY A 295 10.05 2.45 5.52
C GLY A 295 10.37 1.25 4.65
N VAL A 296 9.67 0.14 4.94
CA VAL A 296 9.74 -1.06 4.13
C VAL A 296 8.34 -1.62 3.90
N ILE A 298 6.48 -5.50 3.47
CA ILE A 298 6.65 -6.94 3.62
C ILE A 298 5.35 -7.60 3.21
N GLU A 299 5.43 -8.68 2.43
CA GLU A 299 4.25 -9.46 2.06
C GLU A 299 4.16 -10.65 2.99
N SER A 300 3.11 -10.66 3.81
CA SER A 300 3.01 -11.56 4.96
C SER A 300 1.59 -12.10 5.09
N ASN A 301 1.47 -13.33 5.58
CA ASN A 301 0.13 -13.93 5.82
C ASN A 301 0.19 -14.94 6.96
N LEU A 302 -0.90 -15.65 7.18
CA LEU A 302 -0.99 -16.63 8.26
C LEU A 302 -0.20 -17.89 7.94
N VAL A 303 -0.39 -18.42 6.74
CA VAL A 303 0.37 -19.58 6.24
C VAL A 303 1.32 -19.10 5.14
N ALA A 304 2.52 -19.67 5.10
CA ALA A 304 3.55 -19.24 4.14
C ALA A 304 3.24 -19.69 2.70
N GLY A 305 3.84 -18.96 1.75
CA GLY A 305 3.78 -19.33 0.33
C GLY A 305 2.54 -18.85 -0.39
N ASN A 306 2.12 -19.62 -1.39
CA ASN A 306 0.87 -19.35 -2.10
C ASN A 306 0.19 -20.60 -2.65
N GLN A 307 -1.00 -20.40 -3.22
CA GLN A 307 -1.76 -21.46 -3.89
C GLN A 307 -2.49 -20.93 -5.13
N ASP A 308 -2.97 -21.86 -5.94
CA ASP A 308 -3.79 -21.54 -7.10
C ASP A 308 -5.21 -21.18 -6.64
N ILE A 309 -5.75 -20.09 -7.19
CA ILE A 309 -7.11 -19.64 -6.88
C ILE A 309 -8.21 -20.68 -7.21
N ASN A 310 -7.91 -21.62 -8.10
CA ASN A 310 -8.89 -22.63 -8.51
C ASN A 310 -8.78 -23.96 -7.77
N LYS A 311 -8.07 -23.98 -6.64
CA LYS A 311 -7.97 -25.19 -5.83
C LYS A 311 -9.22 -25.28 -4.94
N LYS A 312 -9.82 -26.47 -4.90
CA LYS A 312 -10.96 -26.74 -4.03
C LYS A 312 -10.59 -27.93 -3.12
N PRO A 313 -10.61 -27.74 -1.79
CA PRO A 313 -10.83 -26.47 -1.08
C PRO A 313 -9.54 -25.66 -0.96
N LEU A 314 -9.67 -24.35 -0.82
CA LEU A 314 -8.53 -23.47 -0.58
C LEU A 314 -7.99 -23.66 0.83
N THR A 315 -6.66 -23.62 0.96
CA THR A 315 -5.99 -23.58 2.26
C THR A 315 -6.32 -22.24 2.93
N TYR A 316 -6.82 -22.30 4.17
CA TYR A 316 -7.14 -21.10 4.94
C TYR A 316 -5.86 -20.32 5.22
N GLY A 317 -5.96 -19.00 5.09
CA GLY A 317 -4.88 -18.09 5.47
C GLY A 317 -3.64 -18.08 4.58
N GLN A 318 -3.71 -18.75 3.42
CA GLN A 318 -2.57 -18.77 2.50
C GLN A 318 -2.85 -17.91 1.25
N SER A 319 -1.83 -17.17 0.80
CA SER A 319 -2.00 -16.28 -0.34
C SER A 319 -2.49 -17.03 -1.57
N VAL A 320 -3.42 -16.40 -2.27
CA VAL A 320 -3.96 -16.88 -3.53
C VAL A 320 -3.27 -16.17 -4.71
N THR A 321 -2.42 -15.18 -4.40
CA THR A 321 -1.61 -14.48 -5.40
C THR A 321 -0.12 -14.68 -5.09
N ASP A 322 0.63 -13.62 -4.77
CA ASP A 322 2.09 -13.75 -4.57
C ASP A 322 2.41 -14.48 -3.28
N LYS A 323 3.60 -15.07 -3.23
CA LYS A 323 4.07 -15.80 -2.07
C LYS A 323 4.35 -14.84 -0.91
N CYS A 324 3.81 -15.16 0.26
CA CYS A 324 4.00 -14.37 1.47
C CYS A 324 4.76 -15.17 2.52
N VAL A 325 5.50 -14.48 3.39
CA VAL A 325 6.07 -15.10 4.58
C VAL A 325 4.96 -15.35 5.62
N ASP A 326 5.15 -16.33 6.49
CA ASP A 326 4.18 -16.54 7.58
C ASP A 326 4.38 -15.49 8.69
N PHE A 327 3.49 -15.48 9.68
CA PHE A 327 3.51 -14.47 10.75
C PHE A 327 4.71 -14.61 11.67
N GLU A 328 5.06 -15.86 12.00
CA GLU A 328 6.23 -16.15 12.81
C GLU A 328 7.44 -15.43 12.23
N GLU A 329 7.65 -15.58 10.92
CA GLU A 329 8.79 -14.95 10.25
C GLU A 329 8.64 -13.43 10.24
N THR A 330 7.40 -12.95 10.12
CA THR A 330 7.11 -11.53 10.18
C THR A 330 7.51 -10.89 11.52
N VAL A 331 7.27 -11.61 12.63
CA VAL A 331 7.69 -11.12 13.95
C VAL A 331 9.21 -10.98 14.01
N LYS A 332 9.94 -11.93 13.44
CA LYS A 332 11.40 -11.83 13.40
C LYS A 332 11.85 -10.60 12.64
N LEU A 334 10.15 -7.80 12.25
CA LEU A 334 9.88 -6.64 13.10
C LEU A 334 10.99 -6.49 14.15
N GLU A 335 11.39 -7.60 14.78
CA GLU A 335 12.51 -7.57 15.73
C GLU A 335 13.74 -6.96 15.06
N LEU A 337 13.94 -4.96 12.48
CA LEU A 337 13.74 -3.53 12.18
C LEU A 337 13.83 -2.66 13.43
N ALA A 338 13.27 -3.15 14.54
CA ALA A 338 13.27 -2.42 15.80
C ALA A 338 14.70 -2.31 16.32
N GLU A 339 15.51 -3.34 16.13
CA GLU A 339 16.92 -3.28 16.52
C GLU A 339 17.65 -2.26 15.65
N ALA A 340 17.41 -2.30 14.35
CA ALA A 340 17.99 -1.34 13.42
C ALA A 340 17.75 0.10 13.87
N VAL A 341 16.53 0.40 14.29
CA VAL A 341 16.18 1.75 14.76
C VAL A 341 16.88 2.06 16.07
N GLN A 342 16.91 1.12 17.00
CA GLN A 342 17.58 1.36 18.29
C GLN A 342 19.06 1.76 18.09
N VAL A 343 19.74 1.07 17.18
CA VAL A 343 21.14 1.37 16.89
C VAL A 343 21.27 2.68 16.12
N ARG A 344 20.28 2.98 15.29
CA ARG A 344 20.25 4.24 14.58
C ARG A 344 20.31 5.40 15.57
N ARG A 345 19.59 5.29 16.69
CA ARG A 345 19.39 6.43 17.59
C ARG A 345 20.58 6.84 18.46
N GLY A 346 20.77 8.17 18.48
CA GLY A 346 21.75 8.85 19.30
C GLY A 346 21.01 9.58 20.38
#